data_8ZEM
#
_entry.id   8ZEM
#
_cell.length_a   97.246
_cell.length_b   97.246
_cell.length_c   256.792
_cell.angle_alpha   90.00
_cell.angle_beta   90.00
_cell.angle_gamma   120.00
#
_symmetry.space_group_name_H-M   'P 61 2 2'
#
loop_
_entity.id
_entity.type
_entity.pdbx_description
1 polymer 'NACHT, LRR and PYD domains-containing protein 3'
2 non-polymer 1-[5-[2,3-bis(chloranyl)phenyl]-2,3-dihydro-1~{H}-inden-4-yl]-3-[4-(2-oxidanylpropan-2-yl)thiophen-2-yl]sulfonyl-urea
3 non-polymer "ADENOSINE-5'-DIPHOSPHATE"
#
_entity_poly.entity_id   1
_entity_poly.type   'polypeptide(L)'
_entity_poly.pdbx_seq_one_letter_code
;SGKMKKDYRKKYRKYVRSRFQCIEDRNARLGESVSLNKRYTRLRLIKEHRSQQEREQELLAIGKTKTCESPVSPIKMELL
FDPDDEHSEPVHTVVFQGAAGIGKTILARKMMLDWASGTLYQDRFDYLFYIHCREVSLVTQRSLGDLIMSCCPDPNPPIH
KIVRKPSRILFLMDGFDELQGAFDEHIGPLCTDWQKAERGDILLSSLIRKKLLPEASLLITTRPVALEKLQHLLDHPRHV
EILGFSEAKRKEYFFKYFSDEAQARAAFSLIQENEVLFTMCFIPLVCWIVCTGLKQQMESGKSLAQTSKTTTAVYVFFLS
SLLQPRGGSQEHGLCAHLWGLCSLAADGIWNQKILFEESDLRNHGLQKADVSAFLRMNLFQKEVDCEKFYSFIHMTFQEF
FAAMYYLLEEEKEGRTNVPGSRLKLPSRDVTVLLENYGKFEKGYLIFVVRFLFGLVNQERTSYLEKKLSCKISQQIRLEL
LKWIEVKAKAKKLQIQPSQLELFYCLYEMQEEDFVQRAMDYFPKIEINLSTRMDHMVSSFCIENCHRVESL
;
_entity_poly.pdbx_strand_id   A
#
loop_
_chem_comp.id
_chem_comp.type
_chem_comp.name
_chem_comp.formula
A1D79 non-polymer 1-[5-[2,3-bis(chloranyl)phenyl]-2,3-dihydro-1~{H}-inden-4-yl]-3-[4-(2-oxidanylpropan-2-yl)thiophen-2-yl]sulfonyl-urea 'C23 H22 Cl2 N2 O4 S2'
ADP non-polymer ADENOSINE-5'-DIPHOSPHATE 'C10 H15 N5 O10 P2'
#
# COMPACT_ATOMS: atom_id res chain seq x y z
N LYS A 6 -33.23 12.11 11.86
CA LYS A 6 -32.75 11.08 10.87
C LYS A 6 -33.24 11.44 9.46
N ASP A 7 -33.63 12.69 9.23
CA ASP A 7 -34.15 13.09 7.89
C ASP A 7 -32.98 12.87 6.91
N TYR A 8 -31.84 13.51 7.18
CA TYR A 8 -30.65 13.54 6.30
C TYR A 8 -29.86 12.25 6.46
N ARG A 9 -30.01 11.53 7.56
CA ARG A 9 -29.21 10.31 7.81
C ARG A 9 -29.50 9.32 6.69
N LYS A 10 -30.78 9.19 6.34
CA LYS A 10 -31.22 8.28 5.27
C LYS A 10 -30.57 8.66 3.94
N LYS A 11 -30.59 9.95 3.59
CA LYS A 11 -30.01 10.43 2.32
C LYS A 11 -28.51 10.12 2.32
N TYR A 12 -27.83 10.34 3.43
CA TYR A 12 -26.38 10.11 3.55
C TYR A 12 -26.12 8.63 3.36
N ARG A 13 -26.90 7.76 4.02
CA ARG A 13 -26.64 6.29 3.99
C ARG A 13 -26.80 5.79 2.56
N LYS A 14 -27.78 6.36 1.84
CA LYS A 14 -28.04 5.94 0.44
C LYS A 14 -26.82 6.30 -0.38
N TYR A 15 -26.23 7.48 -0.15
CA TYR A 15 -25.09 7.95 -0.94
C TYR A 15 -23.93 7.00 -0.65
N VAL A 16 -23.74 6.62 0.60
CA VAL A 16 -22.64 5.72 1.00
C VAL A 16 -22.84 4.37 0.30
N ARG A 17 -24.05 3.81 0.26
CA ARG A 17 -24.24 2.54 -0.49
C ARG A 17 -23.80 2.78 -1.94
N SER A 18 -24.10 3.95 -2.49
CA SER A 18 -23.78 4.27 -3.91
C SER A 18 -22.27 4.15 -4.18
N ARG A 19 -21.43 4.86 -3.44
CA ARG A 19 -19.99 4.90 -3.78
C ARG A 19 -19.33 3.57 -3.44
N PHE A 20 -19.65 3.00 -2.28
CA PHE A 20 -18.98 1.76 -1.78
C PHE A 20 -19.76 0.49 -2.08
N GLN A 21 -20.13 0.20 -3.32
CA GLN A 21 -20.93 -0.99 -3.64
C GLN A 21 -20.05 -1.97 -4.42
N CYS A 22 -19.00 -1.47 -5.06
CA CYS A 22 -17.97 -2.32 -5.77
C CYS A 22 -16.59 -2.01 -5.18
N ILE A 23 -15.59 -2.89 -5.32
CA ILE A 23 -14.23 -2.58 -4.80
C ILE A 23 -13.75 -1.27 -5.45
N GLU A 24 -13.71 -1.19 -6.78
CA GLU A 24 -13.23 0.00 -7.54
C GLU A 24 -14.26 0.44 -8.60
N LEU A 36 -19.11 -5.43 -8.73
CA LEU A 36 -19.80 -5.29 -7.40
C LEU A 36 -19.10 -5.83 -6.10
N ASN A 37 -19.86 -5.78 -5.00
CA ASN A 37 -19.42 -6.30 -3.67
C ASN A 37 -19.54 -7.84 -3.62
N LYS A 38 -18.67 -8.59 -4.32
CA LYS A 38 -18.78 -10.09 -4.41
C LYS A 38 -17.47 -10.86 -4.11
N ARG A 39 -16.33 -10.42 -4.64
CA ARG A 39 -15.08 -11.21 -4.63
C ARG A 39 -14.38 -11.01 -3.27
N TYR A 40 -14.97 -10.31 -2.30
CA TYR A 40 -14.36 -10.05 -0.97
C TYR A 40 -14.09 -11.36 -0.24
N THR A 41 -12.89 -11.51 0.24
CA THR A 41 -12.49 -12.67 1.05
C THR A 41 -12.10 -12.15 2.44
N ARG A 42 -12.61 -12.80 3.47
CA ARG A 42 -12.38 -12.39 4.89
C ARG A 42 -10.87 -12.37 5.14
N LEU A 43 -10.33 -11.20 5.42
CA LEU A 43 -8.89 -11.06 5.78
C LEU A 43 -8.73 -11.45 7.25
N ARG A 44 -7.55 -11.84 7.68
CA ARG A 44 -7.32 -12.24 9.07
C ARG A 44 -6.97 -10.97 9.85
N LEU A 45 -7.56 -10.84 11.02
CA LEU A 45 -7.32 -9.73 11.98
C LEU A 45 -6.79 -10.34 13.27
N ILE A 46 -5.88 -9.69 13.95
CA ILE A 46 -5.46 -10.14 15.33
C ILE A 46 -5.38 -8.98 16.31
N LYS A 47 -6.27 -8.94 17.32
CA LYS A 47 -6.18 -7.94 18.41
C LYS A 47 -4.99 -8.21 19.35
N GLU A 48 -4.45 -7.16 20.01
CA GLU A 48 -3.40 -7.24 21.04
C GLU A 48 -2.09 -7.80 20.45
N HIS A 49 -1.82 -7.55 19.17
CA HIS A 49 -0.57 -8.01 18.50
C HIS A 49 -0.40 -7.25 17.18
N PRO A 74 -8.77 -13.65 17.72
CA PRO A 74 -9.38 -13.08 16.48
C PRO A 74 -10.64 -12.21 16.56
N ILE A 75 -10.46 -10.92 16.31
CA ILE A 75 -11.50 -9.90 16.58
C ILE A 75 -12.61 -9.85 15.50
N LYS A 76 -13.87 -9.89 15.93
CA LYS A 76 -15.00 -9.65 15.05
C LYS A 76 -15.00 -8.16 14.80
N MET A 77 -15.35 -7.71 13.60
CA MET A 77 -15.40 -6.27 13.25
C MET A 77 -16.27 -5.49 14.24
N GLU A 78 -17.48 -5.96 14.54
CA GLU A 78 -18.40 -5.24 15.47
C GLU A 78 -17.73 -5.00 16.83
N LEU A 79 -17.09 -6.06 17.34
CA LEU A 79 -16.50 -6.03 18.70
C LEU A 79 -15.33 -5.07 18.81
N LEU A 80 -14.84 -4.47 17.72
CA LEU A 80 -13.62 -3.62 17.81
C LEU A 80 -13.74 -2.54 18.88
N PHE A 81 -14.82 -1.78 18.85
CA PHE A 81 -14.94 -0.57 19.69
C PHE A 81 -15.36 -0.89 21.13
N ASP A 82 -15.99 -2.03 21.36
CA ASP A 82 -16.49 -2.43 22.68
C ASP A 82 -15.40 -2.33 23.74
N PRO A 83 -15.71 -1.89 24.98
CA PRO A 83 -14.67 -1.73 26.00
C PRO A 83 -14.02 -3.02 26.51
N ASP A 84 -12.92 -2.84 27.24
CA ASP A 84 -12.12 -3.92 27.84
C ASP A 84 -12.81 -4.43 29.12
N GLU A 89 -15.67 3.48 29.75
CA GLU A 89 -14.41 2.76 29.50
C GLU A 89 -14.30 2.44 28.01
N PRO A 90 -15.09 3.06 27.08
CA PRO A 90 -15.11 2.66 25.67
C PRO A 90 -13.89 3.20 24.92
N VAL A 91 -13.80 2.75 23.69
CA VAL A 91 -12.64 3.05 22.81
C VAL A 91 -12.99 4.18 21.86
N HIS A 92 -12.04 5.07 21.62
CA HIS A 92 -12.25 6.21 20.71
C HIS A 92 -11.17 6.23 19.61
N THR A 93 -10.28 5.25 19.52
CA THR A 93 -9.16 5.27 18.56
C THR A 93 -8.72 3.84 18.23
N VAL A 94 -8.91 3.41 16.99
CA VAL A 94 -8.49 2.07 16.49
C VAL A 94 -7.49 2.22 15.34
N VAL A 95 -6.44 1.38 15.33
CA VAL A 95 -5.41 1.46 14.26
C VAL A 95 -5.14 0.07 13.72
N PHE A 96 -5.28 -0.08 12.42
CA PHE A 96 -5.05 -1.31 11.67
C PHE A 96 -3.65 -1.26 11.07
N GLN A 97 -2.67 -1.94 11.67
CA GLN A 97 -1.35 -2.02 11.01
C GLN A 97 -1.62 -2.83 9.77
N GLY A 98 -1.46 -2.28 8.57
CA GLY A 98 -1.68 -3.11 7.38
C GLY A 98 -0.53 -3.09 6.40
N ALA A 99 0.02 -4.25 6.04
CA ALA A 99 1.10 -4.30 5.03
C ALA A 99 0.50 -3.86 3.70
N ALA A 100 1.27 -3.16 2.88
CA ALA A 100 0.85 -2.66 1.56
C ALA A 100 0.27 -3.81 0.75
N GLY A 101 -0.93 -3.62 0.21
CA GLY A 101 -1.55 -4.66 -0.63
C GLY A 101 -2.23 -5.77 0.13
N ILE A 102 -2.44 -5.58 1.45
CA ILE A 102 -3.12 -6.60 2.28
C ILE A 102 -4.63 -6.30 2.36
N GLY A 103 -5.14 -5.32 1.62
CA GLY A 103 -6.59 -5.11 1.54
C GLY A 103 -7.13 -4.21 2.65
N LYS A 104 -6.29 -3.40 3.28
CA LYS A 104 -6.77 -2.45 4.33
C LYS A 104 -7.82 -1.52 3.73
N THR A 105 -7.61 -0.99 2.53
CA THR A 105 -8.57 -0.08 1.87
C THR A 105 -9.87 -0.83 1.61
N ILE A 106 -9.80 -2.05 1.09
CA ILE A 106 -11.01 -2.88 0.81
C ILE A 106 -11.78 -3.13 2.11
N LEU A 107 -11.11 -3.64 3.12
CA LEU A 107 -11.70 -3.98 4.43
C LEU A 107 -12.44 -2.76 4.99
N ALA A 108 -11.83 -1.57 4.87
CA ALA A 108 -12.48 -0.28 5.18
C ALA A 108 -13.75 -0.18 4.36
N ARG A 109 -13.67 -0.01 3.06
CA ARG A 109 -14.82 0.15 2.15
C ARG A 109 -15.93 -0.85 2.46
N LYS A 110 -15.57 -2.06 2.93
CA LYS A 110 -16.55 -3.13 3.27
C LYS A 110 -17.29 -2.71 4.53
N MET A 111 -16.59 -2.34 5.60
CA MET A 111 -17.16 -1.79 6.83
C MET A 111 -18.13 -0.67 6.49
N MET A 112 -17.77 0.14 5.49
CA MET A 112 -18.64 1.27 5.06
C MET A 112 -19.91 0.71 4.47
N LEU A 113 -19.78 -0.26 3.55
CA LEU A 113 -20.90 -0.95 2.87
C LEU A 113 -21.83 -1.63 3.87
N ASP A 114 -21.26 -2.41 4.78
CA ASP A 114 -21.99 -3.20 5.79
C ASP A 114 -22.75 -2.25 6.71
N TRP A 115 -22.09 -1.23 7.22
CA TRP A 115 -22.78 -0.27 8.12
C TRP A 115 -23.83 0.48 7.26
N ALA A 116 -23.37 1.02 6.14
CA ALA A 116 -24.23 1.72 5.15
C ALA A 116 -25.39 0.87 4.70
N SER A 117 -25.34 -0.42 4.91
CA SER A 117 -26.43 -1.40 4.66
C SER A 117 -26.97 -1.97 5.99
N GLY A 118 -26.67 -1.31 7.11
CA GLY A 118 -27.26 -1.60 8.43
C GLY A 118 -26.64 -2.81 9.10
N THR A 119 -25.68 -3.46 8.46
CA THR A 119 -25.18 -4.76 8.92
C THR A 119 -24.47 -4.59 10.26
N LEU A 120 -23.60 -3.59 10.41
CA LEU A 120 -22.84 -3.48 11.67
C LEU A 120 -22.81 -2.01 12.08
N TYR A 121 -22.73 -1.81 13.38
CA TYR A 121 -22.71 -0.49 14.06
C TYR A 121 -24.01 0.25 13.76
N GLN A 122 -25.13 -0.43 13.60
CA GLN A 122 -26.42 0.28 13.42
C GLN A 122 -26.64 1.16 14.65
N ASP A 123 -26.43 0.54 15.80
CA ASP A 123 -26.75 1.20 17.11
C ASP A 123 -25.65 2.19 17.53
N ARG A 124 -24.40 1.85 17.24
CA ARG A 124 -23.22 2.62 17.74
C ARG A 124 -23.03 3.94 16.98
N PHE A 125 -23.27 4.02 15.67
CA PHE A 125 -22.91 5.22 14.89
C PHE A 125 -24.09 5.71 14.09
N ASP A 126 -24.09 6.99 13.82
CA ASP A 126 -25.02 7.66 12.91
C ASP A 126 -24.32 8.03 11.62
N TYR A 127 -22.99 8.18 11.67
CA TYR A 127 -22.22 8.66 10.50
C TYR A 127 -20.85 8.00 10.47
N LEU A 128 -20.47 7.57 9.28
CA LEU A 128 -19.12 7.07 8.98
C LEU A 128 -18.61 7.89 7.83
N PHE A 129 -17.50 8.59 8.03
CA PHE A 129 -16.88 9.40 6.93
C PHE A 129 -15.61 8.70 6.48
N TYR A 130 -15.54 8.36 5.20
CA TYR A 130 -14.34 7.71 4.64
C TYR A 130 -13.42 8.81 4.13
N ILE A 131 -12.26 8.94 4.80
CA ILE A 131 -11.23 9.91 4.38
C ILE A 131 -10.13 9.12 3.68
N HIS A 132 -10.00 9.33 2.38
CA HIS A 132 -8.91 8.70 1.61
C HIS A 132 -7.72 9.65 1.64
N CYS A 133 -6.79 9.39 2.55
CA CYS A 133 -5.59 10.21 2.85
C CYS A 133 -4.83 10.57 1.57
N ARG A 134 -4.69 9.57 0.71
CA ARG A 134 -4.16 9.70 -0.66
C ARG A 134 -4.44 11.12 -1.20
N GLU A 135 -5.70 11.59 -1.06
CA GLU A 135 -6.30 12.80 -1.70
C GLU A 135 -6.04 14.11 -0.95
N VAL A 136 -6.14 14.00 0.38
CA VAL A 136 -6.10 15.18 1.32
C VAL A 136 -4.72 15.82 1.36
N SER A 137 -4.70 17.14 1.21
CA SER A 137 -3.48 17.94 1.35
C SER A 137 -2.98 17.93 2.78
N LEU A 138 -1.73 18.36 2.94
CA LEU A 138 -1.11 18.54 4.26
C LEU A 138 -0.60 19.97 4.41
N VAL A 139 -0.84 20.77 3.37
CA VAL A 139 -0.36 22.19 3.29
C VAL A 139 -1.59 23.10 3.15
N THR A 140 -2.49 22.75 2.22
CA THR A 140 -3.85 23.33 2.10
C THR A 140 -4.39 23.56 3.51
N GLN A 141 -4.91 24.76 3.73
CA GLN A 141 -5.77 25.07 4.90
C GLN A 141 -7.23 24.70 4.62
N ARG A 142 -7.89 24.16 5.64
CA ARG A 142 -9.29 23.69 5.57
C ARG A 142 -9.80 23.52 6.99
N SER A 143 -11.10 23.39 7.16
CA SER A 143 -11.70 23.19 8.50
C SER A 143 -12.08 21.71 8.65
N LEU A 144 -12.39 21.24 9.87
CA LEU A 144 -12.90 19.85 10.00
C LEU A 144 -14.25 19.79 9.26
N GLY A 145 -15.07 20.83 9.38
CA GLY A 145 -16.34 20.87 8.67
C GLY A 145 -16.04 20.84 7.18
N ASP A 146 -15.10 21.65 6.70
CA ASP A 146 -14.82 21.69 5.22
C ASP A 146 -14.42 20.29 4.76
N LEU A 147 -13.54 19.65 5.52
CA LEU A 147 -13.09 18.29 5.19
C LEU A 147 -14.31 17.39 5.26
N ILE A 148 -15.14 17.55 6.29
CA ILE A 148 -16.33 16.68 6.44
C ILE A 148 -17.25 16.91 5.24
N MET A 149 -17.60 18.17 4.94
CA MET A 149 -18.67 18.46 3.95
C MET A 149 -18.36 17.80 2.61
N SER A 150 -17.09 17.48 2.37
CA SER A 150 -16.64 16.88 1.10
C SER A 150 -17.13 15.42 1.01
N CYS A 151 -17.18 14.75 2.16
CA CYS A 151 -17.61 13.34 2.27
C CYS A 151 -19.07 13.17 1.83
N CYS A 152 -19.83 14.28 1.85
CA CYS A 152 -21.30 14.26 1.69
C CYS A 152 -21.69 14.37 0.22
N PRO A 153 -22.87 13.82 -0.08
CA PRO A 153 -23.45 13.88 -1.44
C PRO A 153 -23.83 15.29 -1.96
N ASP A 154 -24.62 16.01 -1.17
CA ASP A 154 -25.14 17.34 -1.53
C ASP A 154 -24.07 18.42 -1.28
N PRO A 155 -24.27 19.64 -1.79
CA PRO A 155 -23.25 20.68 -1.66
C PRO A 155 -23.23 21.55 -0.40
N ASN A 156 -24.42 21.83 0.14
CA ASN A 156 -24.62 22.54 1.41
C ASN A 156 -25.36 21.65 2.38
N PRO A 157 -24.64 20.72 3.03
CA PRO A 157 -25.24 19.75 3.94
C PRO A 157 -25.42 20.35 5.33
N PRO A 158 -26.07 19.63 6.27
CA PRO A 158 -26.52 20.23 7.52
C PRO A 158 -25.46 20.25 8.61
N ILE A 159 -24.23 20.55 8.22
CA ILE A 159 -22.98 20.29 8.96
C ILE A 159 -23.20 20.48 10.45
N HIS A 160 -23.89 21.55 10.85
CA HIS A 160 -24.07 21.90 12.28
C HIS A 160 -24.87 20.81 13.01
N LYS A 161 -25.80 20.13 12.34
CA LYS A 161 -26.62 19.03 12.84
C LYS A 161 -25.86 17.73 12.74
N ILE A 162 -24.76 17.64 11.99
CA ILE A 162 -23.90 16.43 11.98
C ILE A 162 -23.06 16.38 13.26
N VAL A 163 -22.37 17.50 13.52
CA VAL A 163 -21.47 17.72 14.71
C VAL A 163 -22.25 17.76 16.03
N ARG A 164 -23.54 18.07 15.95
CA ARG A 164 -24.53 18.06 17.06
C ARG A 164 -24.11 17.00 18.08
N LYS A 165 -23.80 15.80 17.59
CA LYS A 165 -23.50 14.57 18.37
C LYS A 165 -22.29 13.85 17.76
N PRO A 166 -21.08 14.16 18.25
CA PRO A 166 -19.87 13.48 17.79
C PRO A 166 -19.63 12.06 18.31
N SER A 167 -20.19 11.74 19.47
CA SER A 167 -20.09 10.40 20.04
C SER A 167 -20.79 9.36 19.16
N ARG A 168 -21.35 9.77 18.02
CA ARG A 168 -22.03 8.90 17.04
C ARG A 168 -21.37 9.05 15.65
N ILE A 169 -20.16 9.59 15.62
CA ILE A 169 -19.39 9.85 14.37
C ILE A 169 -18.11 9.04 14.38
N LEU A 170 -17.80 8.38 13.26
CA LEU A 170 -16.55 7.62 13.10
C LEU A 170 -15.91 8.09 11.80
N PHE A 171 -14.64 8.45 11.89
CA PHE A 171 -13.82 8.79 10.71
C PHE A 171 -13.00 7.53 10.37
N LEU A 172 -13.10 7.09 9.11
CA LEU A 172 -12.24 6.03 8.51
C LEU A 172 -11.11 6.72 7.77
N MET A 173 -9.99 6.81 8.45
CA MET A 173 -8.72 7.31 7.93
C MET A 173 -8.03 6.18 7.20
N ASP A 174 -8.10 6.22 5.89
CA ASP A 174 -7.55 5.16 5.01
C ASP A 174 -6.19 5.56 4.43
N GLY A 175 -5.15 4.82 4.83
CA GLY A 175 -3.76 4.93 4.42
C GLY A 175 -3.09 6.18 4.92
N PHE A 176 -2.93 6.29 6.23
CA PHE A 176 -2.24 7.40 6.89
C PHE A 176 -0.91 7.65 6.21
N ASP A 177 -0.26 6.60 5.74
CA ASP A 177 1.04 6.70 4.99
C ASP A 177 0.88 7.49 3.68
N GLU A 178 -0.24 7.27 2.97
CA GLU A 178 -0.48 7.80 1.61
C GLU A 178 -0.56 9.33 1.65
N LEU A 179 -0.59 9.88 2.85
CA LEU A 179 -0.47 11.33 3.06
C LEU A 179 0.82 11.78 2.37
N GLN A 180 0.66 12.78 1.52
CA GLN A 180 1.79 13.31 0.69
C GLN A 180 2.50 14.49 1.38
N GLY A 181 3.78 14.34 1.70
CA GLY A 181 4.53 15.44 2.29
C GLY A 181 4.95 15.11 3.70
N ALA A 182 5.66 16.03 4.35
CA ALA A 182 6.24 15.79 5.68
C ALA A 182 5.14 15.76 6.74
N PHE A 183 5.45 15.20 7.90
CA PHE A 183 4.54 15.20 9.06
C PHE A 183 5.44 15.06 10.27
N ASP A 184 5.38 15.94 11.26
CA ASP A 184 6.27 15.72 12.43
C ASP A 184 5.62 16.10 13.77
N GLU A 185 6.05 15.49 14.89
CA GLU A 185 5.42 15.83 16.18
C GLU A 185 5.50 17.36 16.29
N HIS A 186 6.47 17.99 15.62
CA HIS A 186 6.72 19.44 15.90
C HIS A 186 5.44 20.29 15.68
N ILE A 187 4.68 19.98 14.62
CA ILE A 187 3.51 20.77 14.14
C ILE A 187 2.71 21.37 15.31
N GLY A 188 2.35 22.64 15.17
CA GLY A 188 1.49 23.34 16.12
C GLY A 188 0.99 24.68 15.59
N PRO A 189 0.16 25.43 16.37
CA PRO A 189 -0.49 24.91 17.60
C PRO A 189 -1.74 24.12 17.24
N LEU A 190 -2.06 23.12 18.06
CA LEU A 190 -3.20 22.20 17.86
C LEU A 190 -4.53 22.97 17.91
N CYS A 191 -5.46 22.62 17.01
CA CYS A 191 -6.77 23.26 16.83
C CYS A 191 -7.77 22.63 17.82
N THR A 192 -8.80 23.38 18.19
CA THR A 192 -9.90 22.90 19.08
C THR A 192 -11.28 23.26 18.52
N ASP A 193 -11.32 23.82 17.32
CA ASP A 193 -12.55 24.34 16.68
C ASP A 193 -12.75 23.58 15.36
N TRP A 194 -13.85 22.87 15.22
CA TRP A 194 -14.13 22.10 13.97
C TRP A 194 -14.40 23.03 12.79
N GLN A 195 -15.02 24.18 13.07
CA GLN A 195 -15.32 25.19 12.03
C GLN A 195 -14.08 25.98 11.62
N LYS A 196 -12.94 25.77 12.28
CA LYS A 196 -11.70 26.55 12.03
C LYS A 196 -10.83 25.81 11.04
N ALA A 197 -10.27 26.62 10.15
CA ALA A 197 -9.52 26.17 8.97
C ALA A 197 -8.02 26.17 9.22
N GLU A 198 -7.48 25.03 9.62
CA GLU A 198 -6.02 24.90 9.77
C GLU A 198 -5.53 24.30 8.48
N ARG A 199 -4.24 24.35 8.20
CA ARG A 199 -3.64 23.55 7.10
C ARG A 199 -3.62 22.07 7.48
N GLY A 200 -4.08 21.22 6.55
CA GLY A 200 -4.30 19.77 6.75
C GLY A 200 -3.47 19.04 7.80
N ASP A 201 -2.15 19.26 7.89
CA ASP A 201 -1.28 18.48 8.80
C ASP A 201 -1.65 18.83 10.27
N ILE A 202 -1.88 20.11 10.56
CA ILE A 202 -2.31 20.59 11.90
C ILE A 202 -3.66 19.92 12.18
N LEU A 203 -4.60 20.13 11.28
CA LEU A 203 -6.02 19.76 11.42
C LEU A 203 -6.06 18.29 11.76
N LEU A 204 -5.37 17.45 10.99
CA LEU A 204 -5.35 15.99 11.26
C LEU A 204 -4.58 15.72 12.58
N SER A 205 -3.48 16.44 12.82
CA SER A 205 -2.74 16.20 14.09
C SER A 205 -3.69 16.46 15.26
N SER A 206 -4.65 17.35 15.03
CA SER A 206 -5.59 17.81 16.07
C SER A 206 -6.74 16.81 16.24
N LEU A 207 -7.21 16.30 15.11
CA LEU A 207 -8.26 15.28 15.04
C LEU A 207 -7.75 13.97 15.60
N ILE A 208 -6.53 13.58 15.26
CA ILE A 208 -5.96 12.29 15.69
C ILE A 208 -5.67 12.33 17.20
N ARG A 209 -5.04 13.41 17.69
CA ARG A 209 -4.82 13.62 19.17
C ARG A 209 -6.13 13.84 19.93
N LYS A 210 -7.24 13.67 19.25
CA LYS A 210 -8.61 13.75 19.82
C LYS A 210 -8.87 15.12 20.46
N LYS A 211 -8.25 16.19 19.95
CA LYS A 211 -8.48 17.59 20.41
C LYS A 211 -9.66 18.21 19.68
N LEU A 212 -10.00 17.64 18.53
CA LEU A 212 -11.11 18.10 17.68
C LEU A 212 -12.12 16.94 17.64
N LEU A 213 -13.34 17.16 18.14
CA LEU A 213 -14.34 16.10 18.46
C LEU A 213 -13.63 15.04 19.28
N PRO A 214 -13.37 15.29 20.57
CA PRO A 214 -12.73 14.29 21.43
C PRO A 214 -13.37 12.90 21.53
N GLU A 215 -14.70 12.88 21.54
CA GLU A 215 -15.47 11.63 21.71
C GLU A 215 -16.00 11.12 20.36
N ALA A 216 -15.48 11.64 19.25
CA ALA A 216 -15.48 11.01 17.93
C ALA A 216 -14.83 9.64 18.08
N SER A 217 -15.23 8.66 17.28
CA SER A 217 -14.44 7.43 16.99
C SER A 217 -13.68 7.64 15.69
N LEU A 218 -12.54 6.99 15.62
CA LEU A 218 -11.50 7.17 14.61
C LEU A 218 -10.87 5.81 14.40
N LEU A 219 -10.82 5.39 13.14
CA LEU A 219 -10.24 4.11 12.69
C LEU A 219 -9.23 4.45 11.60
N ILE A 220 -7.97 4.35 11.93
CA ILE A 220 -6.82 4.61 11.05
C ILE A 220 -6.31 3.27 10.53
N THR A 221 -6.13 3.20 9.21
CA THR A 221 -5.39 2.12 8.54
C THR A 221 -4.06 2.74 8.14
N THR A 222 -2.98 1.98 8.23
CA THR A 222 -1.63 2.49 7.96
C THR A 222 -0.66 1.34 7.63
N ARG A 223 0.48 1.65 7.01
CA ARG A 223 1.52 0.67 6.70
C ARG A 223 2.32 0.55 7.99
N PRO A 224 2.95 -0.61 8.24
CA PRO A 224 3.77 -0.79 9.44
C PRO A 224 4.83 0.27 9.68
N VAL A 225 5.50 0.72 8.63
CA VAL A 225 6.58 1.72 8.78
C VAL A 225 5.97 3.02 9.35
N ALA A 226 4.92 3.52 8.74
CA ALA A 226 4.33 4.83 9.09
C ALA A 226 3.82 4.81 10.54
N LEU A 227 4.05 3.71 11.25
CA LEU A 227 3.64 3.66 12.68
C LEU A 227 4.59 4.51 13.50
N GLU A 228 5.80 4.76 13.02
CA GLU A 228 6.80 5.49 13.82
C GLU A 228 6.35 6.94 14.02
N LYS A 229 5.85 7.57 12.98
CA LYS A 229 5.42 8.98 13.06
C LYS A 229 4.15 9.06 13.88
N LEU A 230 3.24 8.15 13.58
CA LEU A 230 1.87 8.10 14.12
C LEU A 230 1.81 7.59 15.56
N GLN A 231 2.73 6.78 16.07
CA GLN A 231 2.58 6.21 17.43
C GLN A 231 2.37 7.27 18.50
N HIS A 232 3.12 8.35 18.42
CA HIS A 232 3.04 9.39 19.47
C HIS A 232 1.66 10.08 19.51
N LEU A 233 1.08 10.32 18.35
CA LEU A 233 -0.21 11.08 18.27
C LEU A 233 -1.33 10.35 19.05
N LEU A 234 -1.50 9.04 18.86
CA LEU A 234 -2.66 8.21 19.26
C LEU A 234 -3.12 8.37 20.71
N ASP A 235 -4.40 8.68 20.90
CA ASP A 235 -4.99 8.73 22.26
C ASP A 235 -5.38 7.32 22.67
N HIS A 236 -4.58 6.64 23.50
CA HIS A 236 -4.90 5.28 23.99
C HIS A 236 -5.46 4.41 22.87
N PRO A 237 -4.62 4.05 21.88
CA PRO A 237 -5.12 3.36 20.71
C PRO A 237 -5.28 1.87 20.94
N ARG A 238 -6.17 1.26 20.15
CA ARG A 238 -6.35 -0.18 20.11
C ARG A 238 -5.73 -0.63 18.79
N HIS A 239 -4.69 -1.44 18.89
CA HIS A 239 -3.93 -1.90 17.71
C HIS A 239 -4.53 -3.20 17.23
N VAL A 240 -4.63 -3.30 15.92
CA VAL A 240 -5.11 -4.49 15.20
C VAL A 240 -4.18 -4.74 14.03
N GLU A 241 -3.94 -6.00 13.71
CA GLU A 241 -3.02 -6.34 12.59
C GLU A 241 -3.78 -7.04 11.46
N ILE A 242 -3.81 -6.43 10.27
CA ILE A 242 -4.35 -7.08 9.07
C ILE A 242 -3.26 -8.02 8.61
N LEU A 243 -3.61 -9.29 8.59
CA LEU A 243 -2.71 -10.39 8.19
C LEU A 243 -2.95 -10.90 6.76
N GLY A 244 -4.12 -10.67 6.19
CA GLY A 244 -4.45 -11.24 4.88
C GLY A 244 -5.11 -12.62 4.99
N PHE A 245 -5.15 -13.34 3.89
CA PHE A 245 -5.82 -14.66 3.89
C PHE A 245 -5.01 -15.68 4.69
N SER A 246 -5.73 -16.75 4.94
CA SER A 246 -5.21 -18.04 5.46
C SER A 246 -4.86 -18.93 4.26
N GLU A 247 -4.47 -20.18 4.49
CA GLU A 247 -4.26 -21.17 3.38
C GLU A 247 -5.62 -21.46 2.71
N ALA A 248 -6.60 -21.74 3.56
CA ALA A 248 -8.01 -21.93 3.15
C ALA A 248 -8.43 -20.76 2.26
N LYS A 249 -8.49 -19.56 2.84
CA LYS A 249 -9.09 -18.35 2.19
C LYS A 249 -8.19 -17.83 1.07
N ARG A 250 -6.98 -18.42 0.93
CA ARG A 250 -6.08 -18.29 -0.23
C ARG A 250 -6.80 -19.05 -1.36
N LYS A 251 -7.28 -20.27 -1.06
CA LYS A 251 -8.06 -21.13 -1.98
C LYS A 251 -9.30 -20.34 -2.40
N GLU A 252 -10.12 -20.02 -1.42
CA GLU A 252 -11.36 -19.26 -1.48
C GLU A 252 -11.29 -18.16 -2.53
N TYR A 253 -10.24 -17.35 -2.55
CA TYR A 253 -10.13 -16.22 -3.49
C TYR A 253 -9.99 -16.72 -4.91
N PHE A 254 -9.22 -17.76 -5.11
CA PHE A 254 -8.95 -18.26 -6.48
C PHE A 254 -10.27 -18.68 -7.14
N PHE A 255 -11.10 -19.36 -6.38
CA PHE A 255 -12.42 -19.88 -6.84
C PHE A 255 -13.47 -18.78 -6.84
N LYS A 256 -13.14 -17.60 -6.31
CA LYS A 256 -13.96 -16.36 -6.43
C LYS A 256 -13.52 -15.51 -7.63
N TYR A 257 -12.29 -15.67 -8.12
CA TYR A 257 -11.75 -15.01 -9.32
C TYR A 257 -12.17 -15.83 -10.54
N PHE A 258 -11.91 -17.13 -10.48
CA PHE A 258 -12.07 -18.09 -11.59
C PHE A 258 -13.53 -18.54 -11.64
N SER A 259 -14.16 -18.05 -12.70
CA SER A 259 -15.57 -18.37 -13.06
C SER A 259 -15.78 -19.87 -13.22
N ASP A 260 -14.89 -20.51 -13.99
CA ASP A 260 -14.83 -21.99 -14.15
C ASP A 260 -14.11 -22.78 -13.02
N GLU A 261 -14.84 -23.74 -12.44
CA GLU A 261 -14.48 -24.52 -11.24
C GLU A 261 -13.19 -25.26 -11.56
N ALA A 262 -12.94 -25.59 -12.84
CA ALA A 262 -11.74 -26.33 -13.30
C ALA A 262 -10.54 -25.39 -13.47
N GLN A 263 -10.79 -24.28 -14.18
CA GLN A 263 -9.77 -23.21 -14.37
C GLN A 263 -9.22 -22.72 -13.02
N ALA A 264 -10.06 -22.85 -11.97
CA ALA A 264 -9.74 -22.45 -10.58
C ALA A 264 -8.89 -23.49 -9.87
N ARG A 265 -9.18 -24.75 -10.14
CA ARG A 265 -8.49 -25.87 -9.48
C ARG A 265 -7.08 -26.02 -10.04
N ALA A 266 -6.95 -25.85 -11.36
CA ALA A 266 -5.69 -25.95 -12.11
C ALA A 266 -4.72 -24.83 -11.78
N ALA A 267 -5.24 -23.68 -11.32
CA ALA A 267 -4.48 -22.45 -11.07
C ALA A 267 -4.26 -22.17 -9.57
N PHE A 268 -4.94 -22.89 -8.69
CA PHE A 268 -4.53 -22.97 -7.27
C PHE A 268 -3.46 -24.06 -7.11
N SER A 269 -3.46 -25.04 -7.99
CA SER A 269 -2.51 -26.20 -7.92
C SER A 269 -1.07 -25.70 -8.10
N LEU A 270 -0.83 -24.91 -9.14
CA LEU A 270 0.45 -24.23 -9.41
C LEU A 270 1.03 -23.73 -8.10
N ILE A 271 0.16 -23.20 -7.26
CA ILE A 271 0.56 -22.36 -6.10
C ILE A 271 0.83 -23.21 -4.86
N GLN A 272 0.44 -24.47 -4.87
CA GLN A 272 0.87 -25.44 -3.81
C GLN A 272 2.23 -26.01 -4.17
N GLU A 273 2.39 -26.34 -5.46
CA GLU A 273 3.62 -26.92 -6.05
C GLU A 273 4.81 -25.94 -6.03
N ASN A 274 4.56 -24.71 -6.48
CA ASN A 274 5.43 -23.53 -6.18
C ASN A 274 5.41 -23.26 -4.67
N GLU A 275 6.54 -22.85 -4.12
CA GLU A 275 6.72 -22.59 -2.67
C GLU A 275 6.58 -21.10 -2.39
N VAL A 276 7.19 -20.31 -3.26
CA VAL A 276 7.20 -18.83 -3.14
C VAL A 276 5.78 -18.28 -3.26
N LEU A 277 5.08 -18.73 -4.30
CA LEU A 277 3.71 -18.28 -4.65
C LEU A 277 2.67 -18.77 -3.67
N PHE A 278 2.97 -19.82 -2.92
CA PHE A 278 2.10 -20.26 -1.80
C PHE A 278 2.27 -19.32 -0.59
N THR A 279 3.49 -19.27 -0.06
CA THR A 279 3.84 -18.32 1.05
C THR A 279 3.35 -16.93 0.65
N MET A 280 3.65 -16.52 -0.58
CA MET A 280 3.52 -15.13 -1.08
C MET A 280 2.06 -14.73 -1.28
N CYS A 281 1.12 -15.67 -1.18
CA CYS A 281 -0.29 -15.41 -1.56
C CYS A 281 -1.21 -15.42 -0.33
N PHE A 282 -0.64 -15.25 0.85
CA PHE A 282 -1.45 -14.84 2.03
C PHE A 282 -1.90 -13.38 1.82
N ILE A 283 -1.09 -12.63 1.04
CA ILE A 283 -1.29 -11.19 0.61
C ILE A 283 -2.30 -11.26 -0.51
N PRO A 284 -3.41 -10.49 -0.40
CA PRO A 284 -4.39 -10.37 -1.48
C PRO A 284 -3.96 -9.69 -2.79
N LEU A 285 -3.17 -8.61 -2.73
CA LEU A 285 -2.81 -7.90 -3.98
C LEU A 285 -2.06 -8.86 -4.88
N VAL A 286 -1.04 -9.53 -4.33
CA VAL A 286 -0.26 -10.61 -5.03
C VAL A 286 -1.25 -11.54 -5.75
N CYS A 287 -2.18 -12.09 -4.97
CA CYS A 287 -3.24 -13.03 -5.39
C CYS A 287 -3.85 -12.53 -6.69
N TRP A 288 -4.15 -11.24 -6.74
CA TRP A 288 -4.74 -10.60 -7.93
C TRP A 288 -3.68 -10.53 -9.03
N ILE A 289 -2.54 -9.93 -8.71
CA ILE A 289 -1.36 -9.82 -9.60
C ILE A 289 -1.11 -11.18 -10.26
N VAL A 290 -1.33 -12.26 -9.50
CA VAL A 290 -1.05 -13.66 -9.89
C VAL A 290 -2.16 -14.17 -10.79
N CYS A 291 -3.41 -13.95 -10.44
CA CYS A 291 -4.57 -14.57 -11.12
C CYS A 291 -5.00 -13.77 -12.36
N THR A 292 -4.51 -12.53 -12.49
CA THR A 292 -4.69 -11.71 -13.71
C THR A 292 -3.59 -12.05 -14.69
N GLY A 293 -2.57 -12.79 -14.23
CA GLY A 293 -1.48 -13.30 -15.06
C GLY A 293 -1.71 -14.74 -15.49
N LEU A 294 -2.46 -15.50 -14.67
CA LEU A 294 -2.88 -16.89 -15.02
C LEU A 294 -4.09 -16.91 -15.96
N LYS A 295 -4.54 -15.74 -16.42
CA LYS A 295 -5.82 -15.63 -17.20
C LYS A 295 -5.70 -15.28 -18.69
N GLN A 296 -4.57 -14.72 -19.17
CA GLN A 296 -4.26 -14.65 -20.62
C GLN A 296 -3.40 -15.82 -21.14
N GLN A 297 -2.72 -16.49 -20.21
CA GLN A 297 -2.05 -17.79 -20.43
C GLN A 297 -3.15 -18.86 -20.24
N MET A 298 -4.26 -18.45 -19.62
CA MET A 298 -5.58 -19.15 -19.71
C MET A 298 -6.21 -18.83 -21.07
N GLU A 299 -5.97 -17.65 -21.62
CA GLU A 299 -6.33 -17.32 -23.04
C GLU A 299 -5.54 -18.15 -24.05
N SER A 300 -4.22 -18.04 -24.03
CA SER A 300 -3.33 -18.81 -24.91
C SER A 300 -3.36 -20.30 -24.51
N GLY A 301 -2.77 -21.13 -25.37
CA GLY A 301 -2.70 -22.60 -25.20
C GLY A 301 -1.67 -23.03 -24.17
N LYS A 302 -0.90 -22.07 -23.65
CA LYS A 302 0.28 -22.33 -22.79
C LYS A 302 -0.14 -23.03 -21.49
N SER A 303 0.04 -24.35 -21.42
CA SER A 303 -0.28 -25.13 -20.20
C SER A 303 0.31 -24.38 -19.01
N LEU A 304 -0.54 -24.03 -18.03
CA LEU A 304 -0.27 -23.01 -16.98
C LEU A 304 1.01 -23.31 -16.19
N ALA A 305 1.84 -22.27 -16.05
CA ALA A 305 3.14 -22.31 -15.34
C ALA A 305 3.64 -20.91 -15.04
N GLN A 306 3.98 -20.70 -13.77
CA GLN A 306 4.69 -19.50 -13.30
C GLN A 306 5.74 -19.95 -12.31
N THR A 307 6.97 -20.13 -12.77
CA THR A 307 8.07 -20.57 -11.91
C THR A 307 8.75 -19.29 -11.38
N SER A 308 8.05 -18.44 -10.64
CA SER A 308 8.62 -17.18 -10.08
C SER A 308 9.00 -17.39 -8.62
N LYS A 309 10.15 -16.83 -8.25
CA LYS A 309 10.83 -17.03 -6.96
C LYS A 309 10.82 -15.73 -6.14
N THR A 310 10.80 -14.58 -6.80
CA THR A 310 10.95 -13.24 -6.16
C THR A 310 9.80 -12.29 -6.49
N THR A 311 9.48 -11.36 -5.57
CA THR A 311 8.43 -10.34 -5.74
C THR A 311 8.61 -9.61 -7.08
N THR A 312 9.82 -9.16 -7.37
CA THR A 312 10.17 -8.46 -8.62
C THR A 312 9.75 -9.31 -9.81
N ALA A 313 10.13 -10.60 -9.80
CA ALA A 313 9.89 -11.56 -10.89
C ALA A 313 8.45 -11.96 -10.96
N VAL A 314 7.61 -11.59 -9.99
CA VAL A 314 6.13 -11.74 -10.04
C VAL A 314 5.43 -10.49 -10.64
N TYR A 315 5.91 -9.31 -10.28
CA TYR A 315 5.48 -8.05 -10.85
C TYR A 315 5.79 -8.13 -12.33
N VAL A 316 7.02 -8.43 -12.67
CA VAL A 316 7.57 -8.44 -14.04
C VAL A 316 6.88 -9.55 -14.81
N PHE A 317 6.50 -10.63 -14.13
CA PHE A 317 5.74 -11.77 -14.72
C PHE A 317 4.36 -11.30 -15.22
N PHE A 318 3.65 -10.56 -14.35
CA PHE A 318 2.32 -9.95 -14.54
C PHE A 318 2.41 -8.75 -15.47
N LEU A 319 3.45 -7.95 -15.28
CA LEU A 319 3.72 -6.75 -16.11
C LEU A 319 3.78 -7.14 -17.59
N SER A 320 4.32 -8.34 -17.87
CA SER A 320 4.50 -8.91 -19.25
C SER A 320 3.21 -9.58 -19.77
N SER A 321 2.45 -10.20 -18.90
CA SER A 321 1.07 -10.69 -19.10
C SER A 321 0.22 -9.61 -19.75
N LEU A 322 0.51 -8.34 -19.49
CA LEU A 322 -0.14 -7.16 -20.15
C LEU A 322 0.84 -6.47 -21.11
N LEU A 323 1.18 -7.17 -22.19
CA LEU A 323 2.02 -6.67 -23.31
C LEU A 323 1.70 -7.50 -24.57
N CYS A 335 5.33 -0.30 -23.95
CA CYS A 335 6.42 -0.60 -24.92
C CYS A 335 6.85 0.68 -25.66
N ALA A 336 5.96 1.20 -26.53
CA ALA A 336 6.18 2.44 -27.31
C ALA A 336 6.21 3.65 -26.36
N HIS A 337 5.37 3.62 -25.32
CA HIS A 337 5.27 4.68 -24.28
C HIS A 337 5.80 4.13 -22.95
N LEU A 338 6.69 3.12 -23.02
CA LEU A 338 7.30 2.55 -21.78
C LEU A 338 8.05 3.64 -21.03
N TRP A 339 8.86 4.45 -21.69
CA TRP A 339 9.72 5.44 -21.01
C TRP A 339 8.86 6.42 -20.20
N GLY A 340 7.70 6.81 -20.71
CA GLY A 340 6.87 7.82 -20.08
C GLY A 340 6.34 7.42 -18.71
N LEU A 341 5.89 6.18 -18.59
CA LEU A 341 5.29 5.71 -17.33
C LEU A 341 6.32 5.88 -16.23
N CYS A 342 7.50 5.28 -16.44
CA CYS A 342 8.65 5.34 -15.52
C CYS A 342 9.08 6.76 -15.26
N SER A 343 9.00 7.66 -16.25
CA SER A 343 9.27 9.09 -16.06
C SER A 343 8.36 9.64 -14.96
N LEU A 344 7.07 9.31 -15.09
CA LEU A 344 5.96 9.79 -14.24
C LEU A 344 6.14 9.35 -12.79
N ALA A 345 6.01 8.06 -12.53
CA ALA A 345 6.14 7.45 -11.21
C ALA A 345 7.26 8.07 -10.42
N ALA A 346 8.43 8.34 -11.03
CA ALA A 346 9.65 8.80 -10.33
C ALA A 346 9.72 10.31 -10.13
N ASP A 347 8.94 11.11 -10.85
CA ASP A 347 8.62 12.49 -10.45
C ASP A 347 7.55 12.39 -9.37
N GLY A 348 6.56 11.54 -9.59
CA GLY A 348 5.44 11.36 -8.64
C GLY A 348 5.93 10.97 -7.27
N ILE A 349 6.76 9.93 -7.18
CA ILE A 349 7.26 9.51 -5.83
C ILE A 349 8.06 10.66 -5.22
N TRP A 350 8.98 11.20 -5.99
CA TRP A 350 9.86 12.31 -5.54
C TRP A 350 9.05 13.57 -5.17
N ASN A 351 8.04 13.88 -5.98
CA ASN A 351 7.26 15.13 -5.80
C ASN A 351 5.97 14.86 -5.06
N GLN A 352 5.83 13.71 -4.43
CA GLN A 352 4.67 13.37 -3.56
C GLN A 352 3.32 13.51 -4.26
N LYS A 353 3.20 12.94 -5.45
CA LYS A 353 1.96 12.99 -6.18
C LYS A 353 1.58 11.56 -6.47
N ILE A 354 0.46 11.12 -5.92
CA ILE A 354 -0.05 9.74 -6.13
C ILE A 354 -1.23 9.82 -7.11
N LEU A 355 -1.83 11.00 -7.27
CA LEU A 355 -3.00 11.21 -8.17
C LEU A 355 -2.54 12.08 -9.32
N PHE A 356 -2.76 11.61 -10.53
CA PHE A 356 -2.32 12.31 -11.76
C PHE A 356 -3.52 12.79 -12.58
N GLU A 357 -3.49 14.06 -12.95
CA GLU A 357 -4.48 14.69 -13.84
C GLU A 357 -4.16 14.35 -15.30
N GLU A 358 -5.12 14.47 -16.22
CA GLU A 358 -4.86 14.30 -17.67
C GLU A 358 -3.65 15.16 -18.05
N SER A 359 -3.72 16.45 -17.77
CA SER A 359 -2.63 17.40 -18.12
C SER A 359 -1.32 16.76 -17.64
N ASP A 360 -1.33 16.28 -16.38
CA ASP A 360 -0.09 15.72 -15.79
C ASP A 360 0.44 14.72 -16.81
N LEU A 361 -0.44 13.81 -17.24
CA LEU A 361 -0.10 12.72 -18.19
C LEU A 361 0.56 13.21 -19.51
N ARG A 362 -0.06 14.19 -20.20
CA ARG A 362 0.36 14.66 -21.56
C ARG A 362 1.82 15.14 -21.55
N ASN A 363 2.29 15.67 -20.41
CA ASN A 363 3.68 16.19 -20.25
C ASN A 363 4.68 15.01 -20.32
N HIS A 364 4.54 14.03 -19.43
CA HIS A 364 5.46 12.87 -19.26
C HIS A 364 5.50 12.02 -20.54
N GLY A 365 4.36 11.87 -21.22
CA GLY A 365 4.25 11.12 -22.49
C GLY A 365 2.84 11.15 -23.05
N LEU A 366 2.36 10.00 -23.54
CA LEU A 366 1.02 9.76 -24.13
C LEU A 366 0.49 11.04 -24.80
N GLN A 367 1.27 11.62 -25.71
CA GLN A 367 0.94 12.89 -26.43
C GLN A 367 -0.26 12.67 -27.37
N LYS A 368 -0.54 11.43 -27.77
CA LYS A 368 -1.70 11.06 -28.63
C LYS A 368 -2.40 9.81 -28.08
N ALA A 369 -3.07 9.96 -26.93
CA ALA A 369 -4.11 9.04 -26.41
C ALA A 369 -3.56 7.63 -26.21
N ASP A 370 -2.39 7.51 -25.54
CA ASP A 370 -1.78 6.21 -25.17
C ASP A 370 -2.53 5.64 -23.96
N VAL A 371 -2.54 6.38 -22.84
CA VAL A 371 -3.22 6.01 -21.56
C VAL A 371 -4.64 5.51 -21.85
N SER A 372 -5.37 6.21 -22.74
CA SER A 372 -6.80 5.98 -23.07
C SER A 372 -7.09 4.49 -23.28
N ALA A 373 -6.27 3.81 -24.09
CA ALA A 373 -6.44 2.40 -24.51
C ALA A 373 -5.37 1.52 -23.87
N PHE A 374 -4.09 1.82 -24.11
CA PHE A 374 -2.91 0.94 -23.83
C PHE A 374 -2.83 0.60 -22.34
N LEU A 375 -2.90 1.61 -21.46
CA LEU A 375 -2.55 1.49 -20.01
C LEU A 375 -3.81 1.32 -19.16
N ARG A 376 -4.86 2.12 -19.41
CA ARG A 376 -6.09 2.18 -18.57
C ARG A 376 -6.57 0.76 -18.22
N MET A 377 -6.54 -0.15 -19.20
CA MET A 377 -7.14 -1.52 -19.10
C MET A 377 -6.85 -2.15 -17.73
N ASN A 378 -5.60 -2.10 -17.25
CA ASN A 378 -5.18 -2.82 -16.01
C ASN A 378 -4.10 -2.09 -15.19
N LEU A 379 -3.57 -0.95 -15.66
CA LEU A 379 -2.43 -0.27 -14.98
C LEU A 379 -2.82 1.13 -14.45
N PHE A 380 -4.10 1.52 -14.56
CA PHE A 380 -4.59 2.85 -14.11
C PHE A 380 -6.01 2.76 -13.55
N GLN A 381 -6.35 3.72 -12.68
CA GLN A 381 -7.70 3.94 -12.09
C GLN A 381 -8.02 5.44 -12.17
N LYS A 382 -9.23 5.80 -12.63
CA LYS A 382 -9.69 7.21 -12.74
C LYS A 382 -10.58 7.54 -11.52
N GLU A 383 -10.23 8.60 -10.79
CA GLU A 383 -10.86 9.00 -9.50
C GLU A 383 -11.60 10.33 -9.69
N VAL A 384 -12.87 10.39 -9.26
CA VAL A 384 -13.76 11.59 -9.32
C VAL A 384 -13.96 12.00 -10.79
N LYS A 388 -11.67 11.94 -13.39
CA LYS A 388 -11.02 13.19 -13.88
C LYS A 388 -9.54 13.19 -13.48
N PHE A 389 -9.18 12.52 -12.39
CA PHE A 389 -7.77 12.36 -11.97
C PHE A 389 -7.44 10.87 -11.98
N TYR A 390 -6.17 10.54 -12.18
CA TYR A 390 -5.77 9.13 -12.39
C TYR A 390 -4.73 8.73 -11.36
N SER A 391 -4.82 7.51 -10.85
CA SER A 391 -3.73 6.91 -10.05
C SER A 391 -3.41 5.49 -10.52
N PHE A 392 -2.18 4.99 -10.33
CA PHE A 392 -1.77 3.59 -10.66
C PHE A 392 -2.57 2.56 -9.85
N ILE A 393 -2.87 1.36 -10.38
CA ILE A 393 -3.78 0.36 -9.74
C ILE A 393 -3.36 0.08 -8.31
N HIS A 394 -2.15 0.46 -7.93
CA HIS A 394 -1.66 0.33 -6.54
C HIS A 394 -0.47 1.24 -6.41
N MET A 395 -0.18 1.66 -5.19
CA MET A 395 1.03 2.48 -4.95
C MET A 395 2.32 1.76 -5.44
N THR A 396 2.47 0.49 -5.04
CA THR A 396 3.67 -0.36 -5.33
C THR A 396 4.06 -0.24 -6.81
N PHE A 397 3.15 -0.60 -7.71
CA PHE A 397 3.37 -0.51 -9.16
C PHE A 397 3.96 0.85 -9.50
N GLN A 398 3.56 1.91 -8.77
CA GLN A 398 4.17 3.25 -8.95
C GLN A 398 5.65 3.14 -8.58
N GLU A 399 5.90 2.63 -7.36
CA GLU A 399 7.30 2.57 -6.82
C GLU A 399 8.18 1.76 -7.78
N PHE A 400 7.62 0.68 -8.32
CA PHE A 400 8.26 -0.23 -9.32
C PHE A 400 8.78 0.56 -10.51
N PHE A 401 7.89 1.22 -11.26
CA PHE A 401 8.27 2.05 -12.40
C PHE A 401 9.20 3.18 -11.99
N ALA A 402 9.03 3.68 -10.77
CA ALA A 402 9.93 4.71 -10.18
C ALA A 402 11.32 4.09 -10.01
N ALA A 403 11.40 2.88 -9.46
CA ALA A 403 12.66 2.09 -9.37
C ALA A 403 13.18 1.83 -10.78
N MET A 404 12.36 1.12 -11.55
CA MET A 404 12.63 0.69 -12.94
C MET A 404 13.02 1.85 -13.83
N TYR A 405 12.76 3.08 -13.40
CA TYR A 405 13.09 4.33 -14.12
C TYR A 405 14.58 4.64 -14.06
N TYR A 406 15.29 4.04 -13.12
CA TYR A 406 16.73 4.29 -12.88
C TYR A 406 17.59 3.25 -13.57
N LEU A 407 17.01 2.41 -14.42
CA LEU A 407 17.65 1.19 -14.98
C LEU A 407 17.27 0.95 -16.45
N LEU A 408 17.31 1.98 -17.30
CA LEU A 408 16.77 1.84 -18.66
C LEU A 408 17.70 2.46 -19.71
N GLU A 409 17.44 2.09 -20.95
CA GLU A 409 18.18 2.56 -22.15
C GLU A 409 17.95 4.07 -22.24
N GLU A 410 18.98 4.83 -22.59
CA GLU A 410 18.87 6.31 -22.74
C GLU A 410 18.26 6.63 -24.11
N SER A 427 16.91 8.07 -16.40
CA SER A 427 17.69 7.34 -15.38
C SER A 427 18.55 8.37 -14.68
N ARG A 428 18.20 8.72 -13.43
CA ARG A 428 18.78 9.85 -12.64
C ARG A 428 19.84 9.35 -11.63
N ASP A 429 20.24 10.19 -10.67
CA ASP A 429 21.17 9.85 -9.57
C ASP A 429 20.47 9.01 -8.52
N VAL A 430 21.20 7.98 -8.11
CA VAL A 430 20.79 6.95 -7.11
C VAL A 430 21.29 7.32 -5.71
N THR A 431 22.44 7.99 -5.62
CA THR A 431 23.04 8.44 -4.35
C THR A 431 22.09 9.33 -3.56
N VAL A 432 21.32 10.12 -4.29
CA VAL A 432 20.22 10.97 -3.76
C VAL A 432 19.20 10.13 -3.02
N LEU A 433 18.62 9.16 -3.71
CA LEU A 433 17.56 8.28 -3.17
C LEU A 433 17.96 7.78 -1.79
N LEU A 434 19.19 7.30 -1.67
CA LEU A 434 19.69 6.57 -0.49
C LEU A 434 19.94 7.54 0.67
N GLU A 435 20.36 8.78 0.39
CA GLU A 435 20.56 9.76 1.47
C GLU A 435 19.25 9.88 2.26
N ASN A 436 18.10 9.52 1.68
CA ASN A 436 16.83 9.81 2.39
C ASN A 436 15.96 8.57 2.40
N TYR A 437 16.49 7.36 2.52
CA TYR A 437 15.67 6.15 2.59
C TYR A 437 15.07 6.07 3.98
N GLY A 438 13.77 5.78 4.05
CA GLY A 438 13.07 5.60 5.31
C GLY A 438 12.52 6.90 5.88
N LYS A 439 12.55 7.97 5.09
CA LYS A 439 12.02 9.27 5.48
C LYS A 439 10.55 9.27 5.07
N PHE A 440 9.69 9.76 5.94
CA PHE A 440 8.22 9.91 5.68
C PHE A 440 7.86 10.83 4.52
N GLU A 441 8.42 12.04 4.48
CA GLU A 441 8.01 13.11 3.54
C GLU A 441 8.39 12.91 2.05
N LYS A 442 9.45 12.18 1.76
CA LYS A 442 9.85 11.93 0.36
C LYS A 442 9.23 10.60 -0.05
N GLY A 443 8.47 9.98 0.86
CA GLY A 443 7.93 8.62 0.65
C GLY A 443 8.92 7.64 1.22
N TYR A 444 8.46 6.57 1.85
CA TYR A 444 9.37 5.65 2.56
C TYR A 444 10.39 5.07 1.59
N LEU A 445 10.01 4.84 0.32
CA LEU A 445 10.90 4.28 -0.74
C LEU A 445 11.26 2.83 -0.40
N ILE A 446 10.35 2.13 0.26
CA ILE A 446 10.55 0.68 0.54
C ILE A 446 10.72 -0.08 -0.78
N PHE A 447 9.69 -0.06 -1.62
CA PHE A 447 9.72 -0.78 -2.91
C PHE A 447 10.53 -0.07 -3.99
N VAL A 448 10.77 1.22 -3.88
CA VAL A 448 11.71 1.92 -4.79
C VAL A 448 13.02 1.15 -4.74
N VAL A 449 13.63 1.15 -3.57
CA VAL A 449 14.86 0.38 -3.28
C VAL A 449 14.69 -1.10 -3.63
N ARG A 450 13.91 -1.79 -2.83
CA ARG A 450 13.74 -3.25 -2.75
C ARG A 450 13.70 -3.89 -4.14
N PHE A 451 12.94 -3.29 -5.04
CA PHE A 451 12.81 -3.82 -6.42
C PHE A 451 14.11 -3.70 -7.19
N LEU A 452 14.63 -2.49 -7.26
CA LEU A 452 15.78 -2.23 -8.15
C LEU A 452 17.05 -2.95 -7.63
N PHE A 453 16.98 -3.78 -6.57
CA PHE A 453 17.92 -4.90 -6.32
C PHE A 453 17.50 -6.09 -7.17
N GLY A 454 16.20 -6.43 -7.16
CA GLY A 454 15.70 -7.61 -7.89
C GLY A 454 15.73 -7.44 -9.39
N LEU A 455 15.84 -6.19 -9.81
CA LEU A 455 15.85 -5.79 -11.23
C LEU A 455 17.29 -5.73 -11.71
N VAL A 456 18.08 -4.83 -11.10
CA VAL A 456 19.52 -4.64 -11.41
C VAL A 456 20.23 -5.99 -11.46
N ASN A 457 19.66 -7.03 -10.83
CA ASN A 457 20.14 -8.44 -10.86
C ASN A 457 20.47 -8.82 -12.31
N GLN A 458 21.70 -9.22 -12.54
CA GLN A 458 22.18 -9.58 -13.91
C GLN A 458 21.46 -10.75 -14.57
N GLU A 459 21.25 -11.86 -13.87
CA GLU A 459 20.58 -13.04 -14.48
C GLU A 459 19.05 -12.82 -14.55
N ARG A 460 18.51 -11.91 -13.73
CA ARG A 460 17.10 -11.51 -13.84
C ARG A 460 17.05 -10.23 -14.68
N SER A 462 15.01 -11.59 -19.01
CA SER A 462 13.54 -11.63 -19.31
C SER A 462 13.36 -11.25 -20.78
N TYR A 463 12.19 -10.79 -21.20
CA TYR A 463 12.08 -10.17 -22.54
C TYR A 463 12.34 -8.69 -22.28
N LEU A 464 11.46 -8.09 -21.47
CA LEU A 464 11.60 -6.67 -21.09
C LEU A 464 13.05 -6.41 -20.63
N GLU A 465 13.75 -7.43 -20.12
CA GLU A 465 15.20 -7.32 -19.81
C GLU A 465 15.84 -6.48 -20.91
N LYS A 466 15.31 -6.52 -22.15
CA LYS A 466 15.84 -5.70 -23.29
C LYS A 466 15.84 -4.19 -22.96
N LYS A 467 14.68 -3.59 -22.66
CA LYS A 467 14.47 -2.13 -22.43
C LYS A 467 15.55 -1.75 -21.41
N LEU A 468 16.00 -2.73 -20.64
CA LEU A 468 17.07 -2.52 -19.60
C LEU A 468 18.39 -2.21 -20.30
N SER A 469 19.13 -1.25 -19.76
CA SER A 469 20.50 -0.95 -20.22
C SER A 469 21.45 -1.88 -19.47
N CYS A 470 22.00 -2.86 -20.17
CA CYS A 470 22.88 -3.88 -19.59
C CYS A 470 24.08 -3.20 -18.93
N LYS A 471 24.57 -2.09 -19.50
CA LYS A 471 25.81 -1.42 -19.13
C LYS A 471 25.59 -0.57 -17.87
N ILE A 472 24.46 0.11 -17.74
CA ILE A 472 24.15 1.13 -16.67
C ILE A 472 23.71 0.45 -15.38
N SER A 473 23.35 -0.82 -15.47
CA SER A 473 22.87 -1.65 -14.33
C SER A 473 23.88 -1.82 -13.20
N GLN A 474 25.11 -2.20 -13.50
CA GLN A 474 26.16 -2.47 -12.50
C GLN A 474 26.92 -1.17 -12.26
N GLN A 475 26.34 -0.06 -12.74
CA GLN A 475 26.64 1.31 -12.26
C GLN A 475 26.08 1.27 -10.86
N ILE A 476 24.75 1.18 -10.77
CA ILE A 476 23.93 1.17 -9.53
C ILE A 476 24.17 -0.04 -8.65
N ARG A 477 24.41 -1.22 -9.24
CA ARG A 477 24.55 -2.46 -8.43
C ARG A 477 25.70 -2.38 -7.45
N LEU A 478 26.71 -1.56 -7.74
CA LEU A 478 27.97 -1.43 -6.99
C LEU A 478 27.95 -0.46 -5.83
N GLU A 479 26.86 0.30 -5.64
CA GLU A 479 26.65 1.27 -4.56
C GLU A 479 25.63 0.77 -3.53
N LEU A 480 24.59 0.06 -4.00
CA LEU A 480 23.61 -0.68 -3.17
C LEU A 480 24.33 -1.47 -2.09
N LEU A 481 25.50 -1.99 -2.44
CA LEU A 481 26.33 -2.79 -1.54
C LEU A 481 27.06 -1.84 -0.59
N LYS A 482 27.44 -0.65 -1.07
CA LYS A 482 28.10 0.39 -0.24
C LYS A 482 27.11 0.82 0.83
N TRP A 483 25.82 0.98 0.43
CA TRP A 483 24.73 1.47 1.31
C TRP A 483 24.26 0.41 2.30
N ILE A 484 24.16 -0.83 1.88
CA ILE A 484 23.83 -1.95 2.79
C ILE A 484 24.92 -2.03 3.87
N GLU A 485 26.17 -1.79 3.47
CA GLU A 485 27.37 -1.89 4.35
C GLU A 485 27.28 -0.86 5.46
N VAL A 486 27.01 0.37 5.09
CA VAL A 486 26.73 1.51 5.98
C VAL A 486 25.71 1.09 7.01
N LYS A 487 24.60 0.49 6.57
CA LYS A 487 23.35 0.29 7.33
C LYS A 487 23.51 -0.96 8.19
N ALA A 488 24.38 -1.89 7.81
CA ALA A 488 24.53 -3.22 8.45
C ALA A 488 25.16 -3.08 9.83
N LYS A 489 25.99 -2.05 10.04
CA LYS A 489 26.87 -2.01 11.23
C LYS A 489 27.01 -0.59 11.72
N ALA A 490 25.90 0.09 11.97
CA ALA A 490 25.91 1.44 12.53
C ALA A 490 25.42 1.41 13.99
N LYS A 491 25.02 2.56 14.54
CA LYS A 491 24.33 2.61 15.85
C LYS A 491 22.85 2.66 15.52
N LYS A 492 22.50 2.24 14.30
CA LYS A 492 21.08 2.20 13.84
C LYS A 492 20.46 3.59 14.03
N LEU A 493 21.18 4.65 13.65
CA LEU A 493 20.69 6.05 13.77
C LEU A 493 19.22 6.04 13.30
N GLN A 494 18.99 5.84 11.99
CA GLN A 494 17.62 5.73 11.42
C GLN A 494 16.95 4.41 11.81
N ILE A 495 15.62 4.35 11.80
CA ILE A 495 14.90 3.11 12.18
C ILE A 495 15.08 2.19 10.96
N GLN A 496 14.53 2.60 9.82
CA GLN A 496 14.70 1.91 8.52
C GLN A 496 16.09 2.16 7.93
N PRO A 497 16.72 1.16 7.28
CA PRO A 497 16.15 -0.21 7.14
C PRO A 497 16.35 -1.04 8.40
N SER A 498 15.28 -1.64 8.92
CA SER A 498 15.41 -2.73 9.90
C SER A 498 16.00 -3.89 9.14
N GLN A 499 16.91 -4.63 9.77
CA GLN A 499 17.76 -5.68 9.13
C GLN A 499 16.96 -6.53 8.12
N LEU A 500 15.79 -6.99 8.54
CA LEU A 500 14.82 -7.75 7.74
C LEU A 500 14.59 -7.08 6.41
N GLU A 501 14.45 -5.75 6.34
CA GLU A 501 14.19 -5.12 5.03
C GLU A 501 15.36 -5.42 4.11
N LEU A 502 16.56 -5.29 4.64
CA LEU A 502 17.81 -5.54 3.87
C LEU A 502 17.83 -6.99 3.38
N PHE A 503 17.30 -7.91 4.19
CA PHE A 503 17.11 -9.33 3.81
C PHE A 503 16.14 -9.37 2.62
N TYR A 504 15.05 -8.61 2.65
CA TYR A 504 14.09 -8.58 1.55
C TYR A 504 14.75 -7.98 0.31
N CYS A 505 15.51 -6.90 0.48
CA CYS A 505 16.35 -6.34 -0.59
C CYS A 505 17.23 -7.47 -1.12
N LEU A 506 17.73 -8.29 -0.21
CA LEU A 506 18.71 -9.38 -0.52
C LEU A 506 18.04 -10.58 -1.11
N TYR A 507 16.78 -10.89 -0.75
CA TYR A 507 16.07 -12.03 -1.35
C TYR A 507 15.62 -11.67 -2.77
N GLU A 508 15.47 -10.37 -3.05
CA GLU A 508 15.16 -9.85 -4.41
C GLU A 508 16.41 -9.98 -5.27
N MET A 509 17.50 -9.39 -4.78
CA MET A 509 18.81 -9.51 -5.43
C MET A 509 19.33 -10.93 -5.23
N GLN A 510 18.74 -11.90 -5.92
CA GLN A 510 18.95 -13.35 -5.69
C GLN A 510 20.37 -13.80 -5.99
N GLU A 511 21.15 -13.02 -6.73
CA GLU A 511 22.56 -13.29 -7.05
C GLU A 511 23.26 -13.67 -5.76
N GLU A 512 23.73 -14.90 -5.69
CA GLU A 512 24.40 -15.43 -4.47
C GLU A 512 25.65 -14.63 -4.10
N ASP A 513 26.53 -14.38 -5.05
CA ASP A 513 27.83 -13.74 -4.74
C ASP A 513 27.62 -12.37 -4.08
N PHE A 514 26.67 -11.58 -4.56
CA PHE A 514 26.39 -10.24 -4.03
C PHE A 514 25.84 -10.45 -2.62
N VAL A 515 24.93 -11.39 -2.43
CA VAL A 515 24.24 -11.64 -1.12
C VAL A 515 25.31 -11.98 -0.06
N GLN A 516 26.02 -13.09 -0.28
CA GLN A 516 27.02 -13.60 0.69
C GLN A 516 27.98 -12.48 1.07
N ARG A 517 28.40 -11.68 0.09
CA ARG A 517 29.38 -10.58 0.35
C ARG A 517 28.80 -9.54 1.28
N ALA A 518 27.50 -9.26 1.15
CA ALA A 518 26.76 -8.30 1.99
C ALA A 518 26.61 -8.85 3.41
N MET A 519 26.26 -10.15 3.46
CA MET A 519 26.13 -10.93 4.72
C MET A 519 27.36 -10.75 5.61
N ASP A 520 28.52 -10.52 5.01
CA ASP A 520 29.77 -10.20 5.74
C ASP A 520 29.45 -9.08 6.72
N TYR A 521 28.98 -7.96 6.16
CA TYR A 521 28.89 -6.65 6.82
C TYR A 521 28.10 -6.73 8.13
N PHE A 522 27.18 -7.69 8.24
CA PHE A 522 26.40 -7.95 9.49
C PHE A 522 27.27 -8.61 10.56
N PRO A 523 27.50 -7.92 11.70
CA PRO A 523 28.32 -8.49 12.76
C PRO A 523 27.55 -9.67 13.35
N LYS A 524 26.35 -9.34 13.85
CA LYS A 524 25.42 -10.31 14.45
C LYS A 524 24.04 -10.00 13.88
N ILE A 525 23.22 -11.01 13.57
CA ILE A 525 21.90 -10.72 12.96
C ILE A 525 20.78 -10.66 14.03
N GLU A 526 19.59 -10.24 13.61
CA GLU A 526 18.45 -10.01 14.52
C GLU A 526 17.17 -10.20 13.74
N ILE A 527 16.40 -11.21 14.16
CA ILE A 527 15.14 -11.66 13.51
C ILE A 527 13.92 -11.10 14.21
N ASN A 528 12.95 -10.72 13.37
CA ASN A 528 11.64 -10.16 13.78
C ASN A 528 10.57 -10.82 12.93
N LEU A 529 10.42 -12.13 13.08
CA LEU A 529 9.62 -12.93 12.14
C LEU A 529 8.18 -13.03 12.62
N SER A 530 7.27 -12.48 11.82
CA SER A 530 5.83 -12.62 12.04
C SER A 530 5.31 -13.76 11.19
N THR A 531 5.29 -13.56 9.88
CA THR A 531 4.68 -14.47 8.89
C THR A 531 5.72 -15.43 8.31
N ARG A 532 5.28 -16.36 7.46
CA ARG A 532 6.16 -17.41 6.87
C ARG A 532 6.85 -16.86 5.62
N MET A 533 6.44 -15.71 5.12
CA MET A 533 7.18 -15.02 4.03
C MET A 533 8.46 -14.50 4.68
N ASP A 534 8.32 -13.90 5.87
CA ASP A 534 9.48 -13.36 6.65
C ASP A 534 10.48 -14.49 6.81
N HIS A 535 10.00 -15.64 7.30
CA HIS A 535 10.75 -16.88 7.54
C HIS A 535 11.63 -17.23 6.35
N MET A 536 11.03 -17.18 5.14
CA MET A 536 11.69 -17.52 3.87
C MET A 536 12.87 -16.59 3.61
N VAL A 537 12.54 -15.33 3.28
CA VAL A 537 13.48 -14.26 2.91
C VAL A 537 14.67 -14.29 3.85
N SER A 538 14.41 -14.38 5.15
CA SER A 538 15.44 -14.52 6.20
C SER A 538 16.26 -15.76 5.90
N SER A 539 15.60 -16.93 5.98
CA SER A 539 16.26 -18.26 5.98
C SER A 539 16.93 -18.58 4.64
N PHE A 540 16.70 -17.74 3.65
CA PHE A 540 17.44 -17.79 2.36
C PHE A 540 18.83 -17.20 2.57
N CYS A 541 18.88 -16.00 3.17
CA CYS A 541 20.10 -15.21 3.42
C CYS A 541 21.02 -15.89 4.41
N ILE A 542 20.45 -16.57 5.40
CA ILE A 542 21.21 -17.15 6.54
C ILE A 542 22.36 -18.05 6.09
N GLU A 543 22.11 -18.98 5.19
CA GLU A 543 23.12 -19.92 4.71
C GLU A 543 24.16 -19.24 3.81
N ASN A 544 23.77 -18.16 3.16
CA ASN A 544 24.72 -17.37 2.33
C ASN A 544 25.71 -16.75 3.29
N CYS A 545 25.32 -16.53 4.54
CA CYS A 545 26.20 -15.86 5.54
C CYS A 545 27.56 -16.53 5.73
N HIS A 546 27.57 -17.84 5.91
CA HIS A 546 28.75 -18.64 6.28
C HIS A 546 30.05 -18.27 5.53
N ARG A 547 31.15 -18.09 6.27
CA ARG A 547 32.46 -17.68 5.70
C ARG A 547 33.50 -18.79 5.96
N VAL A 548 33.08 -20.03 6.22
CA VAL A 548 34.01 -21.20 6.48
C VAL A 548 35.03 -20.77 7.56
N1 A1D79 B . 4.18 -5.91 1.82
C4 A1D79 B . 5.78 -9.01 0.60
C5 A1D79 B . 5.38 -7.99 1.46
C6 A1D79 B . 4.59 -6.95 0.96
C7 A1D79 B . 3.34 -5.96 -1.14
C8 A1D79 B . 3.72 -6.21 -2.62
C10 A1D79 B . 5.82 -8.01 2.88
C13 A1D79 B . 6.65 -8.04 5.52
C15 A1D79 B . 7.16 -7.79 3.19
C17 A1D79 B . 6.49 -3.61 5.05
C20 A1D79 B . 7.33 -4.92 7.00
C21 A1D79 B . 9.68 -4.02 6.90
C22 A1D79 B . 10.13 -5.27 7.65
C1 A1D79 B . 4.19 -6.94 -0.36
C2 A1D79 B . 4.60 -7.96 -1.21
C3 A1D79 B . 5.39 -9.00 -0.72
C9 A1D79 B . 4.04 -7.72 -2.59
C11 A1D79 B . 4.89 -8.24 3.90
C12 A1D79 B . 5.32 -8.25 5.22
C14 A1D79 B . 7.58 -7.81 4.51
C16 A1D79 B . 5.07 -4.99 2.28
N2 A1D79 B . 4.62 -4.02 3.11
O1 A1D79 B . 6.24 -5.03 1.94
S1 A1D79 B . 5.59 -2.84 3.74
O2 A1D79 B . 6.54 -2.45 2.74
O3 A1D79 B . 4.73 -1.91 4.37
C18 A1D79 B . 7.77 -3.41 5.35
C19 A1D79 B . 8.25 -4.13 6.42
S2 A1D79 B . 5.79 -4.76 6.17
C23 A1D79 B . 9.81 -2.81 7.82
O4 A1D79 B . 10.54 -3.84 5.77
CL1 A1D79 B . 3.21 -8.51 3.54
CL2 A1D79 B . 4.19 -8.53 6.51
PB ADP C . -3.74 -1.20 0.36
O1B ADP C . -2.86 -0.35 -0.52
O2B ADP C . -2.94 -1.99 1.38
O3B ADP C . -4.87 -0.43 0.98
PA ADP C . -5.90 -2.41 -1.17
O1A ADP C . -6.11 -1.32 -2.16
O2A ADP C . -6.85 -2.48 -0.01
O3A ADP C . -4.41 -2.30 -0.60
O5' ADP C . -5.87 -3.83 -1.91
C5' ADP C . -5.34 -3.92 -3.27
C4' ADP C . -5.98 -5.06 -4.01
O4' ADP C . -5.98 -6.26 -3.17
C3' ADP C . -7.46 -4.87 -4.38
O3' ADP C . -7.58 -4.19 -5.62
C2' ADP C . -7.96 -6.31 -4.47
O2' ADP C . -7.79 -6.86 -5.77
C1' ADP C . -7.10 -7.06 -3.46
N9 ADP C . -7.79 -7.35 -2.21
C8 ADP C . -7.48 -6.84 -0.97
N7 ADP C . -8.25 -7.28 -0.01
C5 ADP C . -9.13 -8.13 -0.65
C6 ADP C . -10.21 -8.91 -0.17
N6 ADP C . -10.58 -8.95 1.11
N1 ADP C . -10.88 -9.66 -1.07
C2 ADP C . -10.51 -9.62 -2.35
N3 ADP C . -9.51 -8.92 -2.92
C4 ADP C . -8.85 -8.19 -2.00
#